data_2HLC
#
_entry.id   2HLC
#
_cell.length_a   111.300
_cell.length_b   111.300
_cell.length_c   165.680
_cell.angle_alpha   90.00
_cell.angle_beta   90.00
_cell.angle_gamma   90.00
#
_symmetry.space_group_name_H-M   'I 4 2 2'
#
loop_
_entity.id
_entity.type
_entity.pdbx_description
1 polymer COLLAGENASE
2 water water
#
_entity_poly.entity_id   1
_entity_poly.type   'polypeptide(L)'
_entity_poly.pdbx_seq_one_letter_code
;IINGYEAYTGLFPYQAGLDITLQDQRRVWCGGSLIDNKWILTAAHCVHDAVSVVVYLGSAVQYEGEAVVNSERIISHSMF
NPDTYLNDVALIKIPHVEYTDNIQPIRLPSGEELNNKFENIWATVSGWGQSNTDTVILQYTYNLVIDNDRCAQEYPPGII
VESTICGDTSDGKSPCFGDSGGPFVLSDKNLLIGVVSFVSGAGCESGKPVGFSRVTSYMDWIQQNTGIKF
;
_entity_poly.pdbx_strand_id   A,B
#
# COMPACT_ATOMS: atom_id res chain seq x y z
N ILE A 1 -13.27 3.73 -3.51
CA ILE A 1 -14.41 4.51 -4.08
C ILE A 1 -15.20 5.16 -2.94
N ILE A 2 -15.40 6.47 -3.03
CA ILE A 2 -16.19 7.24 -2.05
C ILE A 2 -17.65 7.23 -2.53
N ASN A 3 -18.58 6.88 -1.64
CA ASN A 3 -20.01 6.88 -1.94
C ASN A 3 -20.40 5.96 -3.06
N GLY A 4 -19.77 4.78 -3.05
CA GLY A 4 -20.03 3.78 -4.06
C GLY A 4 -21.01 2.75 -3.55
N TYR A 5 -21.23 1.72 -4.34
CA TYR A 5 -22.13 0.64 -3.97
C TYR A 5 -21.36 -0.66 -4.06
N GLU A 6 -21.82 -1.68 -3.35
CA GLU A 6 -21.14 -2.95 -3.36
C GLU A 6 -21.47 -3.81 -4.54
N ALA A 7 -20.42 -4.40 -5.11
CA ALA A 7 -20.55 -5.29 -6.22
C ALA A 7 -20.66 -6.72 -5.64
N TYR A 8 -21.12 -7.66 -6.44
CA TYR A 8 -21.17 -9.05 -6.02
C TYR A 8 -20.21 -9.77 -6.98
N THR A 9 -19.76 -10.96 -6.62
CA THR A 9 -18.85 -11.70 -7.49
C THR A 9 -19.53 -12.01 -8.84
N GLY A 10 -18.87 -11.66 -9.93
CA GLY A 10 -19.45 -11.89 -11.23
C GLY A 10 -20.01 -10.62 -11.87
N LEU A 11 -20.22 -9.56 -11.06
CA LEU A 11 -20.74 -8.31 -11.59
C LEU A 11 -19.69 -7.65 -12.49
N PHE A 12 -18.45 -7.57 -12.02
CA PHE A 12 -17.36 -6.98 -12.79
C PHE A 12 -16.30 -8.05 -12.95
N PRO A 13 -16.54 -9.01 -13.86
CA PRO A 13 -15.60 -10.12 -14.12
C PRO A 13 -14.22 -9.77 -14.66
N TYR A 14 -14.06 -8.54 -15.16
CA TYR A 14 -12.79 -8.09 -15.70
C TYR A 14 -11.95 -7.39 -14.64
N GLN A 15 -12.51 -7.15 -13.47
CA GLN A 15 -11.75 -6.45 -12.44
C GLN A 15 -10.60 -7.30 -11.87
N ALA A 16 -9.42 -6.69 -11.78
CA ALA A 16 -8.26 -7.35 -11.20
C ALA A 16 -7.86 -6.62 -9.93
N GLY A 17 -7.40 -7.38 -8.94
CA GLY A 17 -6.94 -6.79 -7.70
C GLY A 17 -5.44 -7.04 -7.70
N LEU A 18 -4.64 -6.00 -7.43
CA LEU A 18 -3.19 -6.15 -7.46
C LEU A 18 -2.52 -5.85 -6.12
N ASP A 19 -1.88 -6.88 -5.57
CA ASP A 19 -1.15 -6.77 -4.32
C ASP A 19 0.30 -6.67 -4.78
N ILE A 20 0.82 -5.45 -4.71
CA ILE A 20 2.14 -5.10 -5.22
C ILE A 20 3.23 -4.92 -4.16
N THR A 21 4.38 -5.55 -4.38
CA THR A 21 5.53 -5.36 -3.47
C THR A 21 6.53 -4.48 -4.25
N LEU A 22 6.93 -3.37 -3.65
CA LEU A 22 7.83 -2.43 -4.30
C LEU A 22 9.28 -2.75 -4.04
N GLN A 23 10.15 -2.04 -4.76
CA GLN A 23 11.58 -2.20 -4.57
C GLN A 23 11.99 -1.79 -3.16
N ASP A 24 11.25 -0.86 -2.56
CA ASP A 24 11.57 -0.41 -1.20
C ASP A 24 10.91 -1.26 -0.11
N GLN A 25 10.36 -2.40 -0.53
CA GLN A 25 9.71 -3.36 0.34
C GLN A 25 8.30 -3.00 0.81
N ARG A 26 7.77 -1.87 0.36
CA ARG A 26 6.41 -1.49 0.75
C ARG A 26 5.40 -2.28 -0.05
N ARG A 27 4.22 -2.42 0.56
CA ARG A 27 3.11 -3.17 -0.01
C ARG A 27 2.02 -2.18 -0.42
N VAL A 28 1.72 -2.18 -1.71
CA VAL A 28 0.75 -1.28 -2.31
C VAL A 28 -0.42 -2.04 -2.93
N TRP A 29 -1.58 -1.41 -2.96
CA TRP A 29 -2.74 -2.03 -3.60
C TRP A 29 -3.18 -1.16 -4.79
N CYS A 30 -3.51 -1.81 -5.90
CA CYS A 30 -4.04 -1.11 -7.07
C CYS A 30 -5.01 -2.03 -7.74
N GLY A 31 -5.84 -1.45 -8.60
CA GLY A 31 -6.78 -2.25 -9.36
C GLY A 31 -6.16 -2.45 -10.74
N GLY A 32 -6.84 -3.21 -11.58
CA GLY A 32 -6.39 -3.46 -12.94
C GLY A 32 -7.55 -4.04 -13.73
N SER A 33 -7.36 -4.22 -15.03
CA SER A 33 -8.38 -4.77 -15.91
C SER A 33 -7.80 -5.97 -16.66
N LEU A 34 -8.56 -7.06 -16.70
CA LEU A 34 -8.17 -8.26 -17.43
C LEU A 34 -8.53 -7.95 -18.90
N ILE A 35 -7.52 -7.88 -19.76
CA ILE A 35 -7.76 -7.59 -21.18
C ILE A 35 -7.48 -8.80 -22.09
N ASP A 36 -6.95 -9.86 -21.50
CA ASP A 36 -6.60 -11.09 -22.24
C ASP A 36 -6.30 -12.17 -21.20
N ASN A 37 -6.26 -13.43 -21.60
CA ASN A 37 -5.95 -14.50 -20.67
C ASN A 37 -4.59 -14.31 -20.00
N LYS A 38 -3.69 -13.58 -20.64
CA LYS A 38 -2.37 -13.42 -20.10
C LYS A 38 -1.98 -11.98 -19.79
N TRP A 39 -2.94 -11.05 -19.82
CA TRP A 39 -2.60 -9.66 -19.62
C TRP A 39 -3.55 -8.83 -18.77
N ILE A 40 -2.97 -8.01 -17.91
CA ILE A 40 -3.68 -7.08 -17.05
C ILE A 40 -3.16 -5.69 -17.43
N LEU A 41 -4.08 -4.75 -17.56
CA LEU A 41 -3.75 -3.37 -17.88
C LEU A 41 -3.95 -2.58 -16.59
N THR A 42 -2.97 -1.80 -16.19
CA THR A 42 -3.09 -1.02 -14.96
C THR A 42 -2.36 0.30 -15.16
N ALA A 43 -2.12 1.05 -14.10
CA ALA A 43 -1.44 2.33 -14.19
C ALA A 43 0.05 2.15 -13.91
N ALA A 44 0.89 2.90 -14.62
CA ALA A 44 2.33 2.87 -14.42
C ALA A 44 2.71 3.35 -13.01
N HIS A 45 1.98 4.32 -12.44
CA HIS A 45 2.33 4.81 -11.10
C HIS A 45 2.20 3.74 -10.02
N CYS A 46 1.43 2.70 -10.32
CA CYS A 46 1.25 1.60 -9.39
C CYS A 46 2.42 0.64 -9.41
N VAL A 47 2.95 0.37 -10.58
CA VAL A 47 3.98 -0.65 -10.72
C VAL A 47 5.34 -0.32 -11.31
N HIS A 48 5.60 0.95 -11.60
CA HIS A 48 6.89 1.31 -12.20
C HIS A 48 8.10 0.86 -11.37
N ASP A 49 7.93 0.75 -10.05
CA ASP A 49 9.01 0.34 -9.13
C ASP A 49 8.65 -0.93 -8.36
N ALA A 50 7.73 -1.70 -8.92
CA ALA A 50 7.30 -2.95 -8.31
C ALA A 50 8.32 -4.05 -8.60
N VAL A 51 8.43 -4.97 -7.67
CA VAL A 51 9.31 -6.11 -7.78
C VAL A 51 8.41 -7.30 -8.18
N SER A 52 7.25 -7.42 -7.55
CA SER A 52 6.36 -8.50 -7.86
C SER A 52 4.92 -8.11 -7.59
N VAL A 53 3.99 -8.83 -8.21
CA VAL A 53 2.59 -8.53 -8.08
C VAL A 53 1.78 -9.80 -7.97
N VAL A 54 0.89 -9.85 -7.00
CA VAL A 54 0.01 -10.99 -6.88
C VAL A 54 -1.29 -10.46 -7.47
N VAL A 55 -1.80 -11.15 -8.49
CA VAL A 55 -3.04 -10.76 -9.19
C VAL A 55 -4.24 -11.61 -8.75
N TYR A 56 -5.30 -10.93 -8.30
CA TYR A 56 -6.53 -11.59 -7.85
C TYR A 56 -7.63 -11.39 -8.87
N LEU A 57 -8.27 -12.47 -9.28
CA LEU A 57 -9.33 -12.42 -10.26
C LEU A 57 -10.52 -13.31 -9.87
N GLY A 58 -11.73 -12.89 -10.23
CA GLY A 58 -12.90 -13.72 -9.96
C GLY A 58 -13.63 -13.60 -8.64
N SER A 59 -13.40 -12.52 -7.90
CA SER A 59 -14.08 -12.33 -6.62
C SER A 59 -14.26 -10.86 -6.25
N ALA A 60 -15.39 -10.54 -5.65
CA ALA A 60 -15.65 -9.18 -5.18
C ALA A 60 -14.90 -8.93 -3.85
N VAL A 61 -14.49 -10.00 -3.17
CA VAL A 61 -13.78 -9.87 -1.89
C VAL A 61 -12.30 -9.57 -2.12
N GLN A 62 -11.78 -8.53 -1.48
CA GLN A 62 -10.38 -8.17 -1.61
C GLN A 62 -9.49 -9.30 -1.12
N TYR A 63 -8.36 -9.50 -1.80
CA TYR A 63 -7.39 -10.54 -1.45
C TYR A 63 -7.94 -11.95 -1.60
N GLU A 64 -8.97 -12.08 -2.41
CA GLU A 64 -9.56 -13.37 -2.68
C GLU A 64 -9.78 -13.43 -4.15
N GLY A 65 -9.82 -14.64 -4.69
CA GLY A 65 -10.05 -14.77 -6.11
C GLY A 65 -10.28 -16.19 -6.52
N GLU A 66 -10.95 -16.33 -7.66
CA GLU A 66 -11.19 -17.64 -8.22
C GLU A 66 -9.85 -18.07 -8.83
N ALA A 67 -9.04 -17.09 -9.22
CA ALA A 67 -7.72 -17.35 -9.77
C ALA A 67 -6.81 -16.33 -9.08
N VAL A 68 -5.70 -16.82 -8.55
CA VAL A 68 -4.72 -15.98 -7.89
C VAL A 68 -3.41 -16.37 -8.54
N VAL A 69 -2.81 -15.47 -9.30
CA VAL A 69 -1.56 -15.74 -9.99
C VAL A 69 -0.52 -14.65 -9.76
N ASN A 70 0.74 -14.98 -10.00
CA ASN A 70 1.81 -14.04 -9.84
C ASN A 70 2.23 -13.46 -11.17
N SER A 71 2.61 -12.20 -11.18
CA SER A 71 3.02 -11.56 -12.42
C SER A 71 4.29 -12.23 -12.97
N GLU A 72 4.38 -12.35 -14.28
CA GLU A 72 5.57 -12.93 -14.92
C GLU A 72 6.46 -11.79 -15.40
N ARG A 73 5.83 -10.69 -15.79
CA ARG A 73 6.58 -9.55 -16.31
C ARG A 73 5.73 -8.29 -16.14
N ILE A 74 6.40 -7.17 -15.91
CA ILE A 74 5.74 -5.88 -15.75
C ILE A 74 6.28 -4.97 -16.85
N ILE A 75 5.40 -4.38 -17.62
CA ILE A 75 5.82 -3.48 -18.68
C ILE A 75 5.18 -2.13 -18.44
N SER A 76 5.93 -1.25 -17.80
CA SER A 76 5.48 0.09 -17.51
C SER A 76 5.84 0.99 -18.70
N HIS A 77 4.96 1.91 -19.06
CA HIS A 77 5.23 2.78 -20.19
C HIS A 77 6.56 3.50 -19.99
N SER A 78 7.47 3.42 -20.97
CA SER A 78 8.81 4.04 -20.86
C SER A 78 8.82 5.56 -20.73
N MET A 79 7.78 6.21 -21.25
CA MET A 79 7.66 7.67 -21.19
C MET A 79 6.70 8.17 -20.10
N PHE A 80 6.47 7.33 -19.09
CA PHE A 80 5.60 7.70 -17.99
C PHE A 80 6.29 8.87 -17.29
N ASN A 81 5.55 9.92 -17.00
CA ASN A 81 6.13 11.05 -16.29
C ASN A 81 5.44 11.14 -14.94
N PRO A 82 6.16 10.81 -13.85
CA PRO A 82 5.67 10.83 -12.46
C PRO A 82 5.14 12.18 -12.01
N ASP A 83 5.71 13.25 -12.53
CA ASP A 83 5.30 14.60 -12.14
C ASP A 83 3.99 15.07 -12.73
N THR A 84 3.68 14.62 -13.94
CA THR A 84 2.45 15.05 -14.58
C THR A 84 1.44 13.95 -14.78
N TYR A 85 1.86 12.71 -14.51
CA TYR A 85 1.05 11.51 -14.69
C TYR A 85 0.90 11.23 -16.19
N LEU A 86 1.70 11.88 -17.03
CA LEU A 86 1.63 11.63 -18.46
C LEU A 86 2.00 10.16 -18.74
N ASN A 87 1.26 9.51 -19.66
CA ASN A 87 1.52 8.11 -20.06
C ASN A 87 1.49 7.15 -18.88
N ASP A 88 0.43 7.26 -18.08
CA ASP A 88 0.26 6.44 -16.88
C ASP A 88 -0.41 5.10 -17.17
N VAL A 89 0.27 4.23 -17.91
CA VAL A 89 -0.29 2.93 -18.26
C VAL A 89 0.80 1.86 -18.10
N ALA A 90 0.39 0.64 -17.79
CA ALA A 90 1.33 -0.45 -17.64
C ALA A 90 0.62 -1.76 -17.88
N LEU A 91 1.39 -2.77 -18.29
CA LEU A 91 0.87 -4.09 -18.56
C LEU A 91 1.53 -5.08 -17.63
N ILE A 92 0.75 -6.02 -17.12
CA ILE A 92 1.29 -7.06 -16.27
C ILE A 92 1.01 -8.35 -17.03
N LYS A 93 2.05 -9.12 -17.32
CA LYS A 93 1.90 -10.39 -18.01
C LYS A 93 1.69 -11.43 -16.92
N ILE A 94 0.68 -12.27 -17.11
CA ILE A 94 0.38 -13.30 -16.12
C ILE A 94 0.26 -14.63 -16.85
N PRO A 95 0.33 -15.72 -16.07
CA PRO A 95 0.20 -17.06 -16.64
C PRO A 95 -1.23 -17.11 -17.19
N HIS A 96 -1.44 -17.82 -18.28
CA HIS A 96 -2.77 -17.95 -18.90
C HIS A 96 -3.84 -18.34 -17.89
N VAL A 97 -4.86 -17.50 -17.79
CA VAL A 97 -5.99 -17.76 -16.90
C VAL A 97 -7.18 -18.03 -17.80
N GLU A 98 -7.88 -19.13 -17.56
CA GLU A 98 -9.06 -19.48 -18.36
C GLU A 98 -10.24 -18.66 -17.92
N TYR A 99 -10.98 -18.13 -18.88
CA TYR A 99 -12.15 -17.33 -18.58
C TYR A 99 -13.21 -18.23 -17.96
N THR A 100 -14.00 -17.67 -17.06
CA THR A 100 -15.07 -18.42 -16.41
C THR A 100 -16.25 -17.47 -16.27
N ASP A 101 -17.22 -17.85 -15.43
CA ASP A 101 -18.37 -16.99 -15.21
C ASP A 101 -18.02 -15.71 -14.44
N ASN A 102 -16.95 -15.77 -13.64
CA ASN A 102 -16.52 -14.65 -12.83
C ASN A 102 -15.23 -13.98 -13.28
N ILE A 103 -14.64 -14.51 -14.34
CA ILE A 103 -13.39 -13.99 -14.89
C ILE A 103 -13.57 -13.88 -16.39
N GLN A 104 -13.74 -12.66 -16.86
CA GLN A 104 -13.95 -12.37 -18.27
C GLN A 104 -13.17 -11.13 -18.64
N PRO A 105 -12.75 -11.01 -19.90
CA PRO A 105 -11.98 -9.83 -20.28
C PRO A 105 -12.89 -8.64 -20.55
N ILE A 106 -12.33 -7.44 -20.50
CA ILE A 106 -13.08 -6.25 -20.83
C ILE A 106 -12.64 -5.97 -22.27
N ARG A 107 -13.53 -5.45 -23.10
CA ARG A 107 -13.20 -5.17 -24.48
C ARG A 107 -12.47 -3.84 -24.62
N LEU A 108 -11.50 -3.79 -25.53
CA LEU A 108 -10.71 -2.58 -25.80
C LEU A 108 -11.23 -1.91 -27.07
N PRO A 109 -11.09 -0.59 -27.16
CA PRO A 109 -11.59 0.10 -28.34
C PRO A 109 -10.90 -0.26 -29.64
N SER A 110 -11.68 -0.23 -30.72
CA SER A 110 -11.15 -0.53 -32.03
C SER A 110 -12.02 0.16 -33.06
N GLY A 111 -11.49 0.30 -34.27
CA GLY A 111 -12.22 0.92 -35.36
C GLY A 111 -12.61 2.34 -35.04
N GLU A 112 -13.90 2.65 -35.20
CA GLU A 112 -14.40 3.99 -34.93
C GLU A 112 -14.27 4.44 -33.48
N GLU A 113 -14.41 3.50 -32.56
CA GLU A 113 -14.30 3.79 -31.14
C GLU A 113 -12.99 4.48 -30.86
N LEU A 114 -11.98 4.27 -31.71
CA LEU A 114 -10.70 4.89 -31.49
C LEU A 114 -10.71 6.41 -31.63
N ASN A 115 -11.72 6.94 -32.31
CA ASN A 115 -11.82 8.39 -32.49
C ASN A 115 -12.92 9.02 -31.64
N ASN A 116 -13.56 8.20 -30.81
CA ASN A 116 -14.62 8.68 -29.94
C ASN A 116 -13.99 9.20 -28.65
N LYS A 117 -14.42 10.40 -28.21
CA LYS A 117 -13.91 11.00 -26.99
C LYS A 117 -14.77 10.66 -25.78
N PHE A 118 -15.94 10.09 -26.05
CA PHE A 118 -16.89 9.65 -25.03
C PHE A 118 -17.42 10.74 -24.11
N GLU A 119 -17.52 11.96 -24.62
CA GLU A 119 -17.98 13.07 -23.81
C GLU A 119 -19.43 12.92 -23.39
N ASN A 120 -19.72 13.29 -22.16
CA ASN A 120 -21.06 13.26 -21.59
C ASN A 120 -21.72 11.89 -21.59
N ILE A 121 -20.90 10.87 -21.38
CA ILE A 121 -21.31 9.47 -21.31
C ILE A 121 -21.12 9.04 -19.85
N TRP A 122 -22.03 8.23 -19.31
CA TRP A 122 -21.86 7.73 -17.93
C TRP A 122 -21.02 6.47 -17.99
N ALA A 123 -19.96 6.41 -17.21
CA ALA A 123 -19.09 5.24 -17.19
C ALA A 123 -19.01 4.72 -15.76
N THR A 124 -18.60 3.46 -15.63
CA THR A 124 -18.51 2.80 -14.34
C THR A 124 -17.07 2.60 -13.92
N VAL A 125 -16.76 3.00 -12.70
CA VAL A 125 -15.42 2.85 -12.17
C VAL A 125 -15.58 1.96 -10.94
N SER A 126 -14.62 1.06 -10.72
CA SER A 126 -14.69 0.12 -9.61
C SER A 126 -13.33 -0.12 -8.95
N GLY A 127 -13.35 -0.50 -7.68
CA GLY A 127 -12.10 -0.76 -7.00
C GLY A 127 -12.29 -0.95 -5.51
N TRP A 128 -11.18 -1.23 -4.84
CA TRP A 128 -11.16 -1.47 -3.40
C TRP A 128 -10.40 -0.33 -2.70
N GLY A 129 -10.36 0.85 -3.30
CA GLY A 129 -9.68 1.98 -2.69
C GLY A 129 -10.44 2.55 -1.50
N GLN A 130 -9.93 3.63 -0.92
CA GLN A 130 -10.56 4.25 0.24
C GLN A 130 -12.02 4.59 0.01
N SER A 131 -12.86 4.27 1.00
CA SER A 131 -14.28 4.57 0.93
C SER A 131 -14.72 5.14 2.27
N ASN A 132 -15.92 5.67 2.33
CA ASN A 132 -16.37 6.24 3.61
C ASN A 132 -16.54 5.08 4.59
N THR A 133 -16.81 3.89 4.05
CA THR A 133 -17.02 2.69 4.84
C THR A 133 -15.82 1.78 5.09
N ASP A 134 -16.08 0.77 5.91
CA ASP A 134 -15.12 -0.27 6.29
C ASP A 134 -15.68 -1.50 5.54
N THR A 135 -15.01 -1.88 4.45
CA THR A 135 -15.45 -3.04 3.65
C THR A 135 -14.31 -3.61 2.82
N VAL A 136 -14.35 -4.93 2.63
CA VAL A 136 -13.35 -5.61 1.82
C VAL A 136 -14.04 -5.94 0.50
N ILE A 137 -15.28 -5.51 0.37
CA ILE A 137 -16.05 -5.78 -0.85
C ILE A 137 -15.80 -4.73 -1.93
N LEU A 138 -15.61 -5.21 -3.17
CA LEU A 138 -15.39 -4.35 -4.33
C LEU A 138 -16.55 -3.35 -4.39
N GLN A 139 -16.21 -2.07 -4.62
CA GLN A 139 -17.21 -1.01 -4.73
C GLN A 139 -17.16 -0.46 -6.14
N TYR A 140 -18.20 0.24 -6.54
CA TYR A 140 -18.21 0.87 -7.84
C TYR A 140 -19.08 2.11 -7.78
N THR A 141 -18.95 2.97 -8.78
CA THR A 141 -19.80 4.13 -8.90
C THR A 141 -19.80 4.53 -10.36
N TYR A 142 -20.61 5.53 -10.67
CA TYR A 142 -20.75 6.04 -12.02
C TYR A 142 -20.25 7.47 -12.05
N ASN A 143 -19.47 7.80 -13.07
CA ASN A 143 -18.98 9.16 -13.24
C ASN A 143 -19.28 9.55 -14.67
N LEU A 144 -19.74 10.78 -14.85
CA LEU A 144 -20.02 11.28 -16.18
C LEU A 144 -18.71 11.74 -16.81
N VAL A 145 -18.46 11.37 -18.06
CA VAL A 145 -17.25 11.80 -18.73
C VAL A 145 -17.45 13.24 -19.20
N ILE A 146 -16.50 14.11 -18.89
CA ILE A 146 -16.60 15.52 -19.30
C ILE A 146 -15.59 15.78 -20.40
N ASP A 147 -15.74 16.89 -21.12
CA ASP A 147 -14.78 17.19 -22.17
C ASP A 147 -13.50 17.70 -21.57
N ASN A 148 -12.39 17.44 -22.27
CA ASN A 148 -11.06 17.83 -21.80
C ASN A 148 -10.89 19.31 -21.53
N ASP A 149 -11.63 20.15 -22.25
CA ASP A 149 -11.50 21.59 -22.07
C ASP A 149 -12.00 22.02 -20.71
N ARG A 150 -13.12 21.44 -20.30
CA ARG A 150 -13.70 21.74 -19.01
C ARG A 150 -12.79 21.14 -17.93
N CYS A 151 -12.27 19.95 -18.19
CA CYS A 151 -11.41 19.30 -17.21
C CYS A 151 -10.11 20.03 -16.99
N ALA A 152 -9.52 20.52 -18.08
CA ALA A 152 -8.24 21.21 -18.02
C ALA A 152 -8.23 22.44 -17.12
N GLN A 153 -9.36 23.10 -16.96
CA GLN A 153 -9.37 24.29 -16.12
C GLN A 153 -9.43 23.98 -14.63
N GLU A 154 -9.64 22.71 -14.31
CA GLU A 154 -9.72 22.27 -12.92
C GLU A 154 -8.36 21.85 -12.35
N TYR A 155 -7.33 21.89 -13.19
CA TYR A 155 -5.98 21.49 -12.80
C TYR A 155 -4.97 22.52 -13.27
N PRO A 156 -3.72 22.44 -12.76
CA PRO A 156 -2.67 23.38 -13.18
C PRO A 156 -2.43 23.13 -14.65
N PRO A 157 -1.96 24.14 -15.37
CA PRO A 157 -1.71 23.96 -16.80
C PRO A 157 -0.76 22.79 -17.13
N GLY A 158 -1.10 22.05 -18.18
CA GLY A 158 -0.26 20.96 -18.60
C GLY A 158 -0.60 19.58 -18.10
N ILE A 159 -1.46 19.47 -17.10
CA ILE A 159 -1.80 18.16 -16.57
C ILE A 159 -2.81 17.42 -17.44
N ILE A 160 -3.82 18.13 -17.90
CA ILE A 160 -4.86 17.53 -18.73
C ILE A 160 -4.42 17.63 -20.20
N VAL A 161 -4.13 16.48 -20.78
CA VAL A 161 -3.70 16.40 -22.17
C VAL A 161 -4.64 15.51 -22.99
N GLU A 162 -4.35 15.37 -24.27
CA GLU A 162 -5.18 14.58 -25.19
C GLU A 162 -5.36 13.15 -24.69
N SER A 163 -4.30 12.61 -24.12
CA SER A 163 -4.29 11.25 -23.60
C SER A 163 -4.93 11.10 -22.22
N THR A 164 -5.59 12.16 -21.75
CA THR A 164 -6.29 12.11 -20.46
C THR A 164 -7.78 12.09 -20.75
N ILE A 165 -8.54 11.36 -19.93
CA ILE A 165 -9.99 11.36 -20.04
C ILE A 165 -10.42 11.61 -18.58
N CYS A 166 -11.36 12.52 -18.36
CA CYS A 166 -11.79 12.89 -17.02
C CYS A 166 -13.20 12.50 -16.68
N GLY A 167 -13.43 12.23 -15.41
CA GLY A 167 -14.75 11.87 -14.97
C GLY A 167 -15.16 12.89 -13.93
N ASP A 168 -16.40 13.35 -14.01
CA ASP A 168 -16.93 14.32 -13.08
C ASP A 168 -17.27 13.69 -11.72
N THR A 169 -16.90 14.35 -10.63
CA THR A 169 -17.21 13.81 -9.30
C THR A 169 -17.99 14.83 -8.49
N SER A 170 -18.67 15.74 -9.18
CA SER A 170 -19.43 16.78 -8.50
C SER A 170 -20.59 16.26 -7.65
N ASP A 171 -20.98 15.01 -7.83
CA ASP A 171 -22.06 14.45 -7.01
C ASP A 171 -21.55 13.77 -5.75
N GLY A 172 -20.25 13.88 -5.49
CA GLY A 172 -19.67 13.27 -4.31
C GLY A 172 -19.28 11.80 -4.41
N LYS A 173 -19.47 11.20 -5.57
CA LYS A 173 -19.12 9.80 -5.79
C LYS A 173 -17.81 9.88 -6.56
N SER A 174 -16.78 9.22 -6.05
CA SER A 174 -15.47 9.33 -6.68
C SER A 174 -14.48 8.23 -6.38
N PRO A 175 -13.56 7.96 -7.33
CA PRO A 175 -12.53 6.94 -7.11
C PRO A 175 -11.65 7.60 -6.01
N CYS A 176 -10.92 6.82 -5.24
CA CYS A 176 -10.08 7.40 -4.22
C CYS A 176 -8.82 6.55 -4.15
N PHE A 177 -7.90 6.90 -3.25
CA PHE A 177 -6.62 6.17 -3.15
C PHE A 177 -6.81 4.68 -2.99
N GLY A 178 -6.09 3.92 -3.81
CA GLY A 178 -6.20 2.48 -3.81
C GLY A 178 -7.01 2.04 -5.04
N ASP A 179 -7.76 2.97 -5.64
CA ASP A 179 -8.54 2.67 -6.85
C ASP A 179 -7.68 2.77 -8.11
N SER A 180 -6.51 3.42 -8.00
CA SER A 180 -5.53 3.56 -9.09
C SER A 180 -5.40 2.30 -9.96
N GLY A 181 -5.34 2.51 -11.27
CA GLY A 181 -5.18 1.41 -12.21
C GLY A 181 -6.45 0.67 -12.55
N GLY A 182 -7.52 1.00 -11.85
CA GLY A 182 -8.80 0.37 -12.05
C GLY A 182 -9.44 0.76 -13.36
N PRO A 183 -10.47 0.00 -13.74
CA PRO A 183 -11.21 0.21 -14.98
C PRO A 183 -12.30 1.28 -14.95
N PHE A 184 -12.41 2.03 -16.04
CA PHE A 184 -13.44 3.06 -16.21
C PHE A 184 -14.09 2.49 -17.47
N VAL A 185 -15.31 2.00 -17.32
CA VAL A 185 -16.02 1.27 -18.37
C VAL A 185 -17.39 1.73 -18.84
N LEU A 186 -17.62 1.64 -20.16
CA LEU A 186 -18.93 1.93 -20.74
C LEU A 186 -19.59 0.55 -20.63
N SER A 187 -20.36 0.34 -19.57
CA SER A 187 -20.99 -0.95 -19.36
C SER A 187 -21.78 -1.51 -20.53
N ASP A 188 -22.56 -0.64 -21.17
CA ASP A 188 -23.38 -1.04 -22.31
C ASP A 188 -22.54 -1.74 -23.38
N LYS A 189 -21.38 -1.18 -23.66
CA LYS A 189 -20.53 -1.73 -24.69
C LYS A 189 -19.43 -2.64 -24.15
N ASN A 190 -19.41 -2.86 -22.83
CA ASN A 190 -18.39 -3.69 -22.17
C ASN A 190 -17.03 -3.17 -22.66
N LEU A 191 -16.92 -1.85 -22.74
CA LEU A 191 -15.73 -1.23 -23.29
C LEU A 191 -14.89 -0.45 -22.29
N LEU A 192 -13.60 -0.71 -22.24
CA LEU A 192 -12.72 -0.01 -21.33
C LEU A 192 -12.33 1.31 -21.98
N ILE A 193 -12.71 2.43 -21.36
CA ILE A 193 -12.34 3.74 -21.92
C ILE A 193 -11.26 4.44 -21.12
N GLY A 194 -11.07 4.03 -19.86
CA GLY A 194 -10.05 4.67 -19.06
C GLY A 194 -9.48 3.81 -17.95
N VAL A 195 -8.31 4.24 -17.46
CA VAL A 195 -7.59 3.58 -16.36
C VAL A 195 -7.44 4.67 -15.29
N VAL A 196 -7.92 4.41 -14.07
CA VAL A 196 -7.82 5.39 -12.98
C VAL A 196 -6.36 5.82 -12.85
N SER A 197 -6.11 7.11 -12.99
CA SER A 197 -4.76 7.60 -12.92
C SER A 197 -4.52 8.56 -11.76
N PHE A 198 -5.34 9.61 -11.64
CA PHE A 198 -5.13 10.58 -10.58
C PHE A 198 -6.34 11.31 -10.07
N VAL A 199 -6.26 11.62 -8.79
CA VAL A 199 -7.27 12.34 -8.05
C VAL A 199 -6.66 13.73 -7.83
N SER A 200 -7.52 14.74 -7.70
CA SER A 200 -7.05 16.10 -7.46
C SER A 200 -6.21 16.23 -6.17
N GLY A 201 -5.33 17.20 -6.15
CA GLY A 201 -4.53 17.41 -4.94
C GLY A 201 -5.45 17.75 -3.77
N ALA A 202 -6.64 18.25 -4.09
CA ALA A 202 -7.66 18.61 -3.11
C ALA A 202 -8.30 17.39 -2.46
N GLY A 203 -8.01 16.19 -2.97
CA GLY A 203 -8.58 15.01 -2.36
C GLY A 203 -9.78 14.41 -3.07
N CYS A 204 -10.21 13.27 -2.56
CA CYS A 204 -11.32 12.52 -3.14
C CYS A 204 -12.69 13.11 -2.96
N GLU A 205 -12.84 14.02 -2.01
CA GLU A 205 -14.15 14.60 -1.79
C GLU A 205 -14.20 16.09 -2.15
N SER A 206 -13.29 16.49 -3.03
CA SER A 206 -13.18 17.86 -3.48
C SER A 206 -14.18 18.26 -4.56
N GLY A 207 -14.81 17.28 -5.20
CA GLY A 207 -15.74 17.60 -6.26
C GLY A 207 -14.99 17.91 -7.56
N LYS A 208 -13.69 17.72 -7.55
CA LYS A 208 -12.84 17.97 -8.71
C LYS A 208 -12.87 16.72 -9.61
N PRO A 209 -12.66 16.91 -10.93
CA PRO A 209 -12.67 15.75 -11.83
C PRO A 209 -11.50 14.82 -11.50
N VAL A 210 -11.67 13.55 -11.84
CA VAL A 210 -10.62 12.56 -11.64
C VAL A 210 -10.03 12.27 -13.01
N GLY A 211 -8.71 12.18 -13.08
CA GLY A 211 -8.06 11.89 -14.35
C GLY A 211 -7.83 10.40 -14.56
N PHE A 212 -8.04 9.97 -15.81
CA PHE A 212 -7.85 8.58 -16.20
C PHE A 212 -6.98 8.60 -17.45
N SER A 213 -6.27 7.50 -17.69
CA SER A 213 -5.47 7.34 -18.92
C SER A 213 -6.52 7.01 -20.00
N ARG A 214 -6.55 7.79 -21.08
CA ARG A 214 -7.51 7.56 -22.16
C ARG A 214 -7.02 6.36 -22.97
N VAL A 215 -7.75 5.26 -22.84
CA VAL A 215 -7.37 4.01 -23.49
C VAL A 215 -7.17 4.10 -25.00
N THR A 216 -8.01 4.87 -25.70
CA THR A 216 -7.86 4.99 -27.16
C THR A 216 -6.47 5.54 -27.55
N SER A 217 -5.89 6.38 -26.70
CA SER A 217 -4.57 6.95 -26.99
C SER A 217 -3.43 5.95 -26.81
N TYR A 218 -3.70 4.83 -26.15
CA TYR A 218 -2.67 3.83 -25.88
C TYR A 218 -2.83 2.50 -26.55
N MET A 219 -3.82 2.39 -27.44
CA MET A 219 -4.05 1.13 -28.15
C MET A 219 -2.84 0.60 -28.97
N ASP A 220 -2.09 1.50 -29.61
CA ASP A 220 -0.89 1.09 -30.36
C ASP A 220 0.13 0.54 -29.40
N TRP A 221 0.37 1.26 -28.30
CA TRP A 221 1.33 0.83 -27.29
C TRP A 221 0.92 -0.53 -26.71
N ILE A 222 -0.38 -0.71 -26.47
CA ILE A 222 -0.89 -1.96 -25.93
C ILE A 222 -0.68 -3.12 -26.90
N GLN A 223 -1.07 -2.93 -28.15
CA GLN A 223 -0.92 -3.96 -29.16
C GLN A 223 0.53 -4.27 -29.43
N GLN A 224 1.35 -3.24 -29.46
CA GLN A 224 2.76 -3.44 -29.69
C GLN A 224 3.45 -4.18 -28.54
N ASN A 225 3.10 -3.86 -27.31
CA ASN A 225 3.71 -4.53 -26.18
C ASN A 225 3.13 -5.89 -25.82
N THR A 226 1.88 -6.14 -26.17
CA THR A 226 1.27 -7.42 -25.88
C THR A 226 1.38 -8.29 -27.12
N GLY A 227 1.59 -7.64 -28.27
CA GLY A 227 1.69 -8.34 -29.53
C GLY A 227 0.31 -8.80 -29.98
N ILE A 228 -0.72 -8.41 -29.24
CA ILE A 228 -2.08 -8.80 -29.56
C ILE A 228 -2.74 -7.70 -30.37
N LYS A 229 -3.51 -8.10 -31.38
CA LYS A 229 -4.22 -7.15 -32.22
C LYS A 229 -5.65 -7.15 -31.70
N PHE A 230 -6.04 -6.03 -31.13
CA PHE A 230 -7.39 -5.89 -30.60
C PHE A 230 -8.26 -5.21 -31.64
N ILE B 1 3.47 -11.24 8.75
CA ILE B 1 4.20 -12.26 9.56
C ILE B 1 3.92 -13.66 9.00
N ILE B 2 4.99 -14.35 8.64
CA ILE B 2 4.89 -15.71 8.12
C ILE B 2 5.01 -16.67 9.31
N ASN B 3 4.14 -17.68 9.35
CA ASN B 3 4.14 -18.69 10.42
C ASN B 3 3.98 -18.13 11.83
N GLY B 4 3.19 -17.08 11.95
CA GLY B 4 2.98 -16.47 13.24
C GLY B 4 1.71 -16.97 13.91
N TYR B 5 1.42 -16.40 15.08
CA TYR B 5 0.22 -16.72 15.84
C TYR B 5 -0.80 -15.62 15.61
N GLU B 6 -2.06 -15.95 15.80
CA GLU B 6 -3.13 -14.99 15.65
C GLU B 6 -3.35 -14.22 16.94
N ALA B 7 -3.32 -12.90 16.86
CA ALA B 7 -3.56 -12.05 18.03
C ALA B 7 -5.07 -11.79 18.13
N TYR B 8 -5.45 -10.99 19.12
CA TYR B 8 -6.84 -10.62 19.32
C TYR B 8 -6.78 -9.26 19.99
N THR B 9 -7.89 -8.52 19.97
CA THR B 9 -7.93 -7.19 20.54
C THR B 9 -7.53 -7.19 22.01
N GLY B 10 -6.74 -6.20 22.40
CA GLY B 10 -6.28 -6.11 23.77
C GLY B 10 -4.95 -6.80 24.01
N LEU B 11 -4.57 -7.73 23.14
CA LEU B 11 -3.30 -8.45 23.32
C LEU B 11 -2.07 -7.52 23.12
N PHE B 12 -2.07 -6.74 22.04
CA PHE B 12 -0.98 -5.80 21.78
C PHE B 12 -1.62 -4.42 21.69
N PRO B 13 -1.98 -3.82 22.84
CA PRO B 13 -2.62 -2.51 22.86
C PRO B 13 -1.78 -1.33 22.39
N TYR B 14 -0.49 -1.54 22.16
CA TYR B 14 0.42 -0.50 21.68
C TYR B 14 0.56 -0.53 20.14
N GLN B 15 -0.01 -1.55 19.52
CA GLN B 15 0.08 -1.68 18.06
C GLN B 15 -0.78 -0.68 17.31
N ALA B 16 -0.17 0.03 16.37
CA ALA B 16 -0.88 0.97 15.50
C ALA B 16 -0.89 0.38 14.09
N GLY B 17 -2.01 0.57 13.39
CA GLY B 17 -2.15 0.13 12.02
C GLY B 17 -2.12 1.44 11.23
N LEU B 18 -1.30 1.54 10.19
CA LEU B 18 -1.19 2.77 9.43
C LEU B 18 -1.61 2.63 7.97
N ASP B 19 -2.68 3.33 7.60
CA ASP B 19 -3.17 3.34 6.23
C ASP B 19 -2.55 4.63 5.68
N ILE B 20 -1.52 4.49 4.88
CA ILE B 20 -0.74 5.61 4.37
C ILE B 20 -1.00 6.05 2.95
N THR B 21 -1.20 7.35 2.75
CA THR B 21 -1.41 7.88 1.42
C THR B 21 -0.12 8.59 1.01
N LEU B 22 0.50 8.13 -0.06
CA LEU B 22 1.76 8.72 -0.54
C LEU B 22 1.57 9.91 -1.46
N GLN B 23 2.67 10.62 -1.67
CA GLN B 23 2.69 11.78 -2.54
C GLN B 23 2.36 11.39 -3.97
N ASP B 24 2.65 10.13 -4.31
CA ASP B 24 2.35 9.63 -5.65
C ASP B 24 0.95 9.01 -5.72
N GLN B 25 0.15 9.24 -4.67
CA GLN B 25 -1.22 8.78 -4.53
C GLN B 25 -1.41 7.30 -4.25
N ARG B 26 -0.33 6.56 -4.08
CA ARG B 26 -0.47 5.15 -3.77
C ARG B 26 -0.83 4.97 -2.31
N ARG B 27 -1.51 3.87 -2.02
CA ARG B 27 -1.98 3.52 -0.69
C ARG B 27 -1.10 2.39 -0.17
N VAL B 28 -0.48 2.65 0.98
CA VAL B 28 0.48 1.73 1.59
C VAL B 28 0.07 1.37 3.02
N TRP B 29 0.41 0.17 3.46
CA TRP B 29 0.12 -0.25 4.81
C TRP B 29 1.40 -0.46 5.59
N CYS B 30 1.44 -0.01 6.84
CA CYS B 30 2.57 -0.22 7.73
C CYS B 30 2.07 -0.32 9.15
N GLY B 31 2.89 -0.86 10.04
CA GLY B 31 2.52 -0.93 11.43
C GLY B 31 3.24 0.21 12.13
N GLY B 32 2.96 0.38 13.42
CA GLY B 32 3.60 1.40 14.21
C GLY B 32 3.39 1.09 15.68
N SER B 33 3.96 1.89 16.57
CA SER B 33 3.81 1.69 18.02
C SER B 33 3.34 2.98 18.67
N LEU B 34 2.38 2.88 19.57
CA LEU B 34 1.87 4.03 20.29
C LEU B 34 2.86 4.28 21.42
N ILE B 35 3.59 5.40 21.39
CA ILE B 35 4.60 5.72 22.42
C ILE B 35 4.15 6.85 23.35
N ASP B 36 3.02 7.48 23.02
CA ASP B 36 2.47 8.58 23.79
C ASP B 36 1.07 8.82 23.28
N ASN B 37 0.29 9.58 24.04
CA ASN B 37 -1.08 9.88 23.66
C ASN B 37 -1.17 10.59 22.33
N LYS B 38 -0.13 11.28 21.94
CA LYS B 38 -0.17 12.00 20.67
C LYS B 38 0.90 11.58 19.69
N TRP B 39 1.61 10.47 19.94
CA TRP B 39 2.68 10.06 19.04
C TRP B 39 2.78 8.59 18.67
N ILE B 40 3.09 8.34 17.40
CA ILE B 40 3.26 7.00 16.86
C ILE B 40 4.67 6.93 16.30
N LEU B 41 5.43 5.90 16.67
CA LEU B 41 6.80 5.69 16.17
C LEU B 41 6.69 4.60 15.08
N THR B 42 7.28 4.85 13.93
CA THR B 42 7.21 3.90 12.82
C THR B 42 8.50 4.00 12.02
N ALA B 43 8.55 3.37 10.84
CA ALA B 43 9.73 3.39 9.98
C ALA B 43 9.68 4.55 8.97
N ALA B 44 10.84 5.14 8.71
CA ALA B 44 10.95 6.24 7.74
C ALA B 44 10.60 5.77 6.32
N HIS B 45 10.97 4.53 5.98
CA HIS B 45 10.68 4.01 4.64
C HIS B 45 9.18 3.93 4.36
N CYS B 46 8.38 3.91 5.42
CA CYS B 46 6.95 3.86 5.28
C CYS B 46 6.34 5.21 4.93
N VAL B 47 6.79 6.24 5.63
CA VAL B 47 6.18 7.57 5.47
C VAL B 47 7.03 8.74 4.98
N HIS B 48 8.28 8.50 4.62
CA HIS B 48 9.12 9.61 4.19
C HIS B 48 8.50 10.41 3.04
N ASP B 49 7.68 9.76 2.21
CA ASP B 49 7.04 10.44 1.07
C ASP B 49 5.52 10.43 1.19
N ALA B 50 5.03 10.31 2.42
CA ALA B 50 3.60 10.29 2.67
C ALA B 50 3.02 11.70 2.82
N VAL B 51 1.74 11.83 2.53
CA VAL B 51 1.07 13.13 2.69
C VAL B 51 0.08 13.05 3.87
N SER B 52 -0.44 11.85 4.14
CA SER B 52 -1.37 11.69 5.24
C SER B 52 -1.45 10.24 5.63
N VAL B 53 -1.89 10.00 6.86
CA VAL B 53 -2.00 8.65 7.40
C VAL B 53 -3.24 8.52 8.28
N VAL B 54 -4.00 7.43 8.10
CA VAL B 54 -5.15 7.16 8.96
C VAL B 54 -4.57 6.14 9.95
N VAL B 55 -4.65 6.45 11.23
CA VAL B 55 -4.10 5.62 12.30
C VAL B 55 -5.18 4.81 13.02
N TYR B 56 -5.05 3.49 12.97
CA TYR B 56 -5.99 2.56 13.61
C TYR B 56 -5.39 2.06 14.92
N LEU B 57 -6.10 2.27 16.02
CA LEU B 57 -5.61 1.84 17.33
C LEU B 57 -6.68 1.05 18.05
N GLY B 58 -6.25 0.10 18.87
CA GLY B 58 -7.19 -0.68 19.66
C GLY B 58 -7.97 -1.80 19.03
N SER B 59 -7.48 -2.40 17.97
CA SER B 59 -8.19 -3.53 17.38
C SER B 59 -7.21 -4.43 16.66
N ALA B 60 -7.45 -5.73 16.69
CA ALA B 60 -6.59 -6.68 16.01
C ALA B 60 -7.02 -6.83 14.53
N VAL B 61 -8.18 -6.28 14.17
CA VAL B 61 -8.67 -6.40 12.79
C VAL B 61 -8.11 -5.25 11.98
N GLN B 62 -7.54 -5.59 10.82
CA GLN B 62 -6.95 -4.59 9.96
C GLN B 62 -8.00 -3.58 9.48
N TYR B 63 -7.66 -2.30 9.51
CA TYR B 63 -8.55 -1.21 9.09
C TYR B 63 -9.73 -1.02 10.04
N GLU B 64 -9.57 -1.47 11.28
CA GLU B 64 -10.59 -1.30 12.29
C GLU B 64 -9.87 -0.82 13.54
N GLY B 65 -10.59 -0.09 14.40
CA GLY B 65 -9.98 0.39 15.60
C GLY B 65 -10.99 0.97 16.55
N GLU B 66 -10.60 1.03 17.80
CA GLU B 66 -11.43 1.60 18.83
C GLU B 66 -11.29 3.11 18.66
N ALA B 67 -10.12 3.52 18.18
CA ALA B 67 -9.80 4.90 17.89
C ALA B 67 -9.22 4.93 16.48
N VAL B 68 -9.85 5.71 15.61
CA VAL B 68 -9.37 5.86 14.23
C VAL B 68 -9.09 7.35 14.13
N VAL B 69 -7.82 7.71 13.98
CA VAL B 69 -7.39 9.09 13.98
C VAL B 69 -6.55 9.47 12.75
N ASN B 70 -6.58 10.72 12.32
CA ASN B 70 -5.79 11.13 11.17
C ASN B 70 -4.53 11.80 11.65
N SER B 71 -3.43 11.60 10.95
CA SER B 71 -2.15 12.21 11.32
C SER B 71 -2.29 13.73 11.25
N GLU B 72 -1.63 14.43 12.15
CA GLU B 72 -1.66 15.88 12.14
C GLU B 72 -0.37 16.35 11.53
N ARG B 73 0.68 15.55 11.71
CA ARG B 73 2.00 15.88 11.19
C ARG B 73 2.84 14.61 11.10
N ILE B 74 3.81 14.60 10.21
CA ILE B 74 4.69 13.45 10.05
C ILE B 74 6.12 13.95 10.07
N ILE B 75 6.94 13.38 10.93
CA ILE B 75 8.32 13.76 11.04
C ILE B 75 9.15 12.54 10.72
N SER B 76 9.80 12.58 9.57
CA SER B 76 10.62 11.46 9.13
C SER B 76 12.08 11.84 9.35
N HIS B 77 12.92 10.88 9.73
CA HIS B 77 14.32 11.17 9.99
C HIS B 77 15.02 11.82 8.79
N SER B 78 15.50 13.06 8.98
CA SER B 78 16.16 13.80 7.90
C SER B 78 17.40 13.12 7.30
N MET B 79 18.04 12.24 8.06
CA MET B 79 19.21 11.51 7.55
C MET B 79 18.90 10.07 7.13
N PHE B 80 17.63 9.79 6.84
CA PHE B 80 17.24 8.46 6.39
C PHE B 80 17.88 8.16 5.03
N ASN B 81 18.47 6.98 4.88
CA ASN B 81 19.09 6.62 3.61
C ASN B 81 18.27 5.48 3.02
N PRO B 82 17.53 5.74 1.94
CA PRO B 82 16.69 4.73 1.29
C PRO B 82 17.46 3.52 0.81
N ASP B 83 18.70 3.72 0.42
CA ASP B 83 19.51 2.64 -0.12
C ASP B 83 20.03 1.68 0.93
N THR B 84 20.36 2.19 2.10
CA THR B 84 20.91 1.34 3.14
C THR B 84 19.97 1.11 4.32
N TYR B 85 18.88 1.88 4.34
CA TYR B 85 17.89 1.83 5.42
C TYR B 85 18.46 2.45 6.70
N LEU B 86 19.52 3.23 6.57
CA LEU B 86 20.12 3.89 7.71
C LEU B 86 19.15 4.92 8.24
N ASN B 87 19.03 5.00 9.57
CA ASN B 87 18.16 5.96 10.25
C ASN B 87 16.72 5.81 9.82
N ASP B 88 16.22 4.58 9.86
CA ASP B 88 14.87 4.27 9.44
C ASP B 88 13.82 4.46 10.57
N VAL B 89 13.61 5.70 10.95
CA VAL B 89 12.65 6.03 12.01
C VAL B 89 11.84 7.24 11.62
N ALA B 90 10.60 7.28 12.09
CA ALA B 90 9.69 8.37 11.81
C ALA B 90 8.65 8.46 12.93
N LEU B 91 8.07 9.65 13.07
CA LEU B 91 7.08 9.90 14.08
C LEU B 91 5.86 10.45 13.40
N ILE B 92 4.70 10.07 13.90
CA ILE B 92 3.45 10.58 13.36
C ILE B 92 2.74 11.20 14.56
N LYS B 93 2.54 12.51 14.49
CA LYS B 93 1.84 13.24 15.54
C LYS B 93 0.35 13.03 15.30
N ILE B 94 -0.38 12.66 16.33
CA ILE B 94 -1.80 12.45 16.17
C ILE B 94 -2.50 13.22 17.26
N PRO B 95 -3.81 13.44 17.10
CA PRO B 95 -4.53 14.15 18.14
C PRO B 95 -4.59 13.23 19.37
N HIS B 96 -4.37 13.82 20.55
CA HIS B 96 -4.38 13.12 21.83
C HIS B 96 -5.44 12.02 21.93
N VAL B 97 -4.98 10.79 22.17
CA VAL B 97 -5.86 9.65 22.32
C VAL B 97 -5.75 9.19 23.80
N GLU B 98 -6.90 8.85 24.39
CA GLU B 98 -6.95 8.39 25.77
C GLU B 98 -6.67 6.90 25.81
N TYR B 99 -5.78 6.49 26.70
CA TYR B 99 -5.47 5.08 26.84
C TYR B 99 -6.69 4.33 27.37
N THR B 100 -6.87 3.12 26.91
CA THR B 100 -7.99 2.31 27.33
C THR B 100 -7.44 0.92 27.59
N ASP B 101 -8.31 -0.08 27.66
CA ASP B 101 -7.87 -1.45 27.86
C ASP B 101 -7.16 -1.88 26.59
N ASN B 102 -7.72 -1.47 25.45
CA ASN B 102 -7.19 -1.84 24.15
C ASN B 102 -6.20 -0.88 23.52
N ILE B 103 -5.97 0.26 24.16
CA ILE B 103 -5.05 1.24 23.63
C ILE B 103 -4.12 1.67 24.74
N GLN B 104 -2.86 1.25 24.66
CA GLN B 104 -1.86 1.55 25.68
C GLN B 104 -0.51 1.82 25.04
N PRO B 105 0.32 2.66 25.64
CA PRO B 105 1.63 2.95 25.08
C PRO B 105 2.64 1.88 25.44
N ILE B 106 3.70 1.78 24.66
CA ILE B 106 4.75 0.80 24.93
C ILE B 106 5.86 1.59 25.57
N ARG B 107 6.59 0.98 26.51
CA ARG B 107 7.68 1.66 27.18
C ARG B 107 8.86 1.81 26.25
N LEU B 108 9.58 2.92 26.39
CA LEU B 108 10.77 3.15 25.60
C LEU B 108 11.91 3.03 26.58
N PRO B 109 13.09 2.54 26.14
CA PRO B 109 14.26 2.36 27.00
C PRO B 109 14.82 3.66 27.55
N SER B 110 15.32 3.58 28.78
CA SER B 110 15.92 4.74 29.45
C SER B 110 17.02 4.27 30.40
N GLY B 111 17.89 5.19 30.80
CA GLY B 111 18.98 4.85 31.71
C GLY B 111 19.88 3.75 31.21
N GLU B 112 20.03 2.69 32.01
CA GLU B 112 20.89 1.56 31.67
C GLU B 112 20.38 0.75 30.49
N GLU B 113 19.06 0.68 30.34
CA GLU B 113 18.46 -0.04 29.21
C GLU B 113 19.04 0.54 27.92
N LEU B 114 19.36 1.82 27.94
CA LEU B 114 19.92 2.48 26.77
C LEU B 114 21.26 1.90 26.35
N ASN B 115 21.92 1.18 27.25
CA ASN B 115 23.22 0.60 26.93
C ASN B 115 23.15 -0.90 26.64
N ASN B 116 21.97 -1.47 26.82
CA ASN B 116 21.75 -2.89 26.59
C ASN B 116 21.61 -3.17 25.08
N LYS B 117 22.28 -4.21 24.60
CA LYS B 117 22.19 -4.57 23.19
C LYS B 117 21.10 -5.60 22.99
N PHE B 118 20.63 -6.17 24.10
CA PHE B 118 19.56 -7.17 24.13
C PHE B 118 19.88 -8.43 23.35
N GLU B 119 21.15 -8.81 23.29
CA GLU B 119 21.54 -10.00 22.56
C GLU B 119 21.00 -11.29 23.19
N ASN B 120 20.55 -12.21 22.34
CA ASN B 120 20.02 -13.51 22.77
C ASN B 120 18.76 -13.55 23.63
N ILE B 121 17.91 -12.56 23.43
CA ILE B 121 16.65 -12.46 24.13
C ILE B 121 15.57 -12.68 23.08
N TRP B 122 14.44 -13.25 23.48
CA TRP B 122 13.33 -13.46 22.57
C TRP B 122 12.49 -12.20 22.60
N ALA B 123 12.25 -11.64 21.43
CA ALA B 123 11.40 -10.44 21.37
C ALA B 123 10.18 -10.80 20.54
N THR B 124 9.09 -10.05 20.70
CA THR B 124 7.84 -10.30 19.98
C THR B 124 7.63 -9.27 18.87
N VAL B 125 7.39 -9.74 17.67
CA VAL B 125 7.14 -8.84 16.57
C VAL B 125 5.71 -9.09 16.10
N SER B 126 5.02 -8.01 15.72
CA SER B 126 3.64 -8.11 15.31
C SER B 126 3.29 -7.22 14.12
N GLY B 127 2.30 -7.63 13.34
CA GLY B 127 1.87 -6.87 12.19
C GLY B 127 0.86 -7.57 11.31
N TRP B 128 0.42 -6.85 10.28
CA TRP B 128 -0.55 -7.34 9.34
C TRP B 128 0.11 -7.60 7.97
N GLY B 129 1.41 -7.79 7.98
CA GLY B 129 2.13 -8.04 6.74
C GLY B 129 1.78 -9.38 6.12
N GLN B 130 2.37 -9.68 4.97
CA GLN B 130 2.14 -10.94 4.24
C GLN B 130 2.31 -12.11 5.19
N SER B 131 1.35 -13.05 5.14
CA SER B 131 1.39 -14.22 6.02
C SER B 131 1.14 -15.54 5.33
N ASN B 132 1.04 -15.55 4.01
CA ASN B 132 0.77 -16.79 3.27
C ASN B 132 -0.61 -17.34 3.65
N THR B 133 -1.45 -16.47 4.22
CA THR B 133 -2.82 -16.82 4.59
C THR B 133 -3.59 -15.52 4.35
N ASP B 134 -4.82 -15.64 3.91
CA ASP B 134 -5.61 -14.44 3.67
C ASP B 134 -6.48 -14.16 4.90
N THR B 135 -5.85 -13.48 5.86
CA THR B 135 -6.47 -13.11 7.14
C THR B 135 -6.35 -11.60 7.30
N VAL B 136 -7.24 -11.01 8.08
CA VAL B 136 -7.17 -9.57 8.33
C VAL B 136 -6.88 -9.39 9.81
N ILE B 137 -6.55 -10.50 10.49
CA ILE B 137 -6.24 -10.44 11.91
C ILE B 137 -4.75 -10.26 12.12
N LEU B 138 -4.41 -9.40 13.07
CA LEU B 138 -3.03 -9.13 13.45
C LEU B 138 -2.30 -10.44 13.83
N GLN B 139 -1.07 -10.61 13.34
CA GLN B 139 -0.28 -11.80 13.63
C GLN B 139 0.93 -11.38 14.43
N TYR B 140 1.56 -12.33 15.10
CA TYR B 140 2.76 -12.04 15.87
C TYR B 140 3.59 -13.30 15.98
N THR B 141 4.86 -13.12 16.30
CA THR B 141 5.78 -14.23 16.46
C THR B 141 6.94 -13.78 17.34
N TYR B 142 7.76 -14.73 17.79
CA TYR B 142 8.89 -14.44 18.62
C TYR B 142 10.14 -14.69 17.80
N ASN B 143 11.06 -13.74 17.79
CA ASN B 143 12.31 -13.88 17.05
C ASN B 143 13.40 -13.62 18.07
N LEU B 144 14.48 -14.38 17.98
CA LEU B 144 15.59 -14.21 18.91
C LEU B 144 16.48 -13.07 18.45
N VAL B 145 16.88 -12.20 19.37
CA VAL B 145 17.77 -11.10 19.00
C VAL B 145 19.17 -11.70 18.95
N ILE B 146 19.86 -11.45 17.84
CA ILE B 146 21.22 -11.94 17.66
C ILE B 146 22.16 -10.76 17.69
N ASP B 147 23.44 -11.00 17.83
CA ASP B 147 24.41 -9.91 17.87
C ASP B 147 24.65 -9.38 16.44
N ASN B 148 24.93 -8.10 16.36
CA ASN B 148 25.14 -7.45 15.08
C ASN B 148 26.21 -8.15 14.23
N ASP B 149 27.27 -8.64 14.87
CA ASP B 149 28.33 -9.32 14.14
C ASP B 149 27.80 -10.52 13.36
N ARG B 150 27.04 -11.36 14.04
CA ARG B 150 26.47 -12.54 13.40
C ARG B 150 25.51 -12.12 12.28
N CYS B 151 24.77 -11.05 12.51
CA CYS B 151 23.81 -10.55 11.53
C CYS B 151 24.49 -9.95 10.28
N ALA B 152 25.56 -9.18 10.49
CA ALA B 152 26.27 -8.55 9.40
C ALA B 152 26.74 -9.56 8.35
N GLN B 153 27.07 -10.76 8.83
CA GLN B 153 27.55 -11.85 7.97
C GLN B 153 26.52 -12.29 6.94
N GLU B 154 25.24 -12.04 7.24
CA GLU B 154 24.15 -12.42 6.36
C GLU B 154 23.72 -11.36 5.37
N TYR B 155 24.23 -10.14 5.52
CA TYR B 155 23.86 -9.01 4.65
C TYR B 155 25.07 -8.44 3.94
N PRO B 156 24.84 -7.63 2.89
CA PRO B 156 25.96 -7.04 2.19
C PRO B 156 26.64 -6.12 3.20
N PRO B 157 27.97 -6.00 3.10
CA PRO B 157 28.72 -5.14 4.02
C PRO B 157 28.18 -3.71 4.10
N GLY B 158 28.18 -3.17 5.33
CA GLY B 158 27.70 -1.82 5.57
C GLY B 158 26.21 -1.65 5.84
N ILE B 159 25.43 -2.70 5.67
CA ILE B 159 23.99 -2.61 5.92
C ILE B 159 23.69 -2.68 7.42
N ILE B 160 24.25 -3.69 8.08
CA ILE B 160 24.05 -3.86 9.50
C ILE B 160 25.02 -2.93 10.24
N VAL B 161 24.48 -1.91 10.91
CA VAL B 161 25.30 -0.97 11.67
C VAL B 161 24.91 -0.97 13.13
N GLU B 162 25.59 -0.16 13.93
CA GLU B 162 25.32 -0.11 15.36
C GLU B 162 23.89 0.26 15.68
N SER B 163 23.25 1.03 14.80
CA SER B 163 21.87 1.43 15.00
C SER B 163 20.88 0.42 14.43
N THR B 164 21.38 -0.76 14.05
CA THR B 164 20.55 -1.85 13.55
C THR B 164 20.47 -2.92 14.65
N ILE B 165 19.32 -3.55 14.79
CA ILE B 165 19.18 -4.66 15.74
C ILE B 165 18.49 -5.71 14.88
N CYS B 166 18.98 -6.95 14.96
CA CYS B 166 18.47 -8.02 14.14
C CYS B 166 17.74 -9.09 14.90
N GLY B 167 16.79 -9.70 14.20
CA GLY B 167 16.02 -10.77 14.76
C GLY B 167 16.22 -11.98 13.86
N ASP B 168 16.56 -13.11 14.47
CA ASP B 168 16.77 -14.35 13.74
C ASP B 168 15.43 -14.96 13.30
N THR B 169 15.37 -15.46 12.07
CA THR B 169 14.14 -16.06 11.57
C THR B 169 14.38 -17.49 11.07
N SER B 170 15.41 -18.13 11.60
CA SER B 170 15.76 -19.47 11.16
C SER B 170 14.68 -20.54 11.42
N ASP B 171 13.79 -20.26 12.37
CA ASP B 171 12.69 -21.16 12.68
C ASP B 171 11.68 -21.12 11.55
N GLY B 172 11.84 -20.18 10.62
CA GLY B 172 10.90 -20.01 9.52
C GLY B 172 9.77 -19.05 9.89
N LYS B 173 9.85 -18.46 11.08
CA LYS B 173 8.86 -17.52 11.56
C LYS B 173 9.47 -16.16 11.32
N SER B 174 8.83 -15.35 10.49
CA SER B 174 9.43 -14.08 10.12
C SER B 174 8.50 -12.96 9.72
N PRO B 175 8.92 -11.73 10.01
CA PRO B 175 8.13 -10.54 9.63
C PRO B 175 8.24 -10.54 8.10
N CYS B 176 7.30 -9.91 7.41
CA CYS B 176 7.36 -9.90 5.96
C CYS B 176 6.83 -8.57 5.48
N PHE B 177 6.66 -8.42 4.17
CA PHE B 177 6.20 -7.16 3.59
C PHE B 177 4.88 -6.74 4.18
N GLY B 178 4.82 -5.49 4.62
CA GLY B 178 3.60 -5.01 5.24
C GLY B 178 3.76 -4.89 6.75
N ASP B 179 4.76 -5.59 7.30
CA ASP B 179 5.04 -5.53 8.73
C ASP B 179 5.90 -4.34 9.07
N SER B 180 6.52 -3.75 8.05
CA SER B 180 7.36 -2.56 8.20
C SER B 180 6.82 -1.58 9.24
N GLY B 181 7.73 -1.02 10.04
CA GLY B 181 7.35 -0.05 11.05
C GLY B 181 6.79 -0.64 12.33
N GLY B 182 6.50 -1.93 12.31
CA GLY B 182 5.95 -2.61 13.47
C GLY B 182 6.87 -2.69 14.66
N PRO B 183 6.30 -2.96 15.84
CA PRO B 183 7.09 -3.06 17.06
C PRO B 183 7.80 -4.41 17.27
N PHE B 184 9.00 -4.35 17.88
CA PHE B 184 9.79 -5.52 18.23
C PHE B 184 9.92 -5.26 19.73
N VAL B 185 9.23 -6.07 20.53
CA VAL B 185 9.13 -5.86 21.96
C VAL B 185 9.56 -6.98 22.91
N LEU B 186 10.16 -6.61 24.05
CA LEU B 186 10.48 -7.62 25.07
C LEU B 186 9.16 -7.70 25.87
N SER B 187 8.36 -8.72 25.58
CA SER B 187 7.06 -8.89 26.22
C SER B 187 7.00 -8.71 27.73
N ASP B 188 7.86 -9.44 28.45
CA ASP B 188 7.86 -9.38 29.90
C ASP B 188 8.18 -8.00 30.48
N LYS B 189 8.93 -7.19 29.75
CA LYS B 189 9.26 -5.86 30.21
C LYS B 189 8.38 -4.79 29.59
N ASN B 190 7.58 -5.17 28.58
CA ASN B 190 6.72 -4.21 27.89
C ASN B 190 7.63 -3.09 27.35
N LEU B 191 8.79 -3.48 26.81
CA LEU B 191 9.78 -2.54 26.30
C LEU B 191 9.95 -2.62 24.79
N LEU B 192 9.95 -1.47 24.13
CA LEU B 192 10.15 -1.44 22.69
C LEU B 192 11.64 -1.41 22.41
N ILE B 193 12.15 -2.41 21.68
CA ILE B 193 13.58 -2.44 21.35
C ILE B 193 13.91 -2.28 19.85
N GLY B 194 12.91 -2.44 18.98
CA GLY B 194 13.18 -2.28 17.56
C GLY B 194 11.94 -1.93 16.77
N VAL B 195 12.16 -1.40 15.57
CA VAL B 195 11.07 -1.03 14.64
C VAL B 195 11.38 -1.83 13.38
N VAL B 196 10.42 -2.60 12.87
CA VAL B 196 10.68 -3.42 11.66
C VAL B 196 11.19 -2.51 10.54
N SER B 197 12.39 -2.82 10.06
CA SER B 197 13.03 -2.02 9.03
C SER B 197 13.20 -2.71 7.68
N PHE B 198 13.83 -3.86 7.63
CA PHE B 198 14.02 -4.50 6.33
C PHE B 198 14.12 -5.99 6.38
N VAL B 199 13.67 -6.59 5.28
CA VAL B 199 13.72 -8.03 5.12
C VAL B 199 14.93 -8.27 4.19
N SER B 200 15.40 -9.51 4.18
CA SER B 200 16.54 -9.89 3.36
C SER B 200 16.19 -9.86 1.90
N GLY B 201 17.20 -9.63 1.06
CA GLY B 201 16.98 -9.63 -0.37
C GLY B 201 16.49 -11.00 -0.81
N ALA B 202 16.80 -12.02 0.01
CA ALA B 202 16.39 -13.39 -0.24
C ALA B 202 14.91 -13.63 0.01
N GLY B 203 14.21 -12.66 0.60
CA GLY B 203 12.80 -12.84 0.87
C GLY B 203 12.56 -13.18 2.32
N CYS B 204 11.29 -13.39 2.64
CA CYS B 204 10.85 -13.69 3.99
C CYS B 204 10.99 -15.13 4.43
N GLU B 205 11.09 -16.04 3.48
CA GLU B 205 11.18 -17.45 3.80
C GLU B 205 12.55 -18.04 3.57
N SER B 206 13.58 -17.25 3.84
CA SER B 206 14.96 -17.71 3.65
C SER B 206 15.74 -17.96 4.95
N GLY B 207 15.09 -17.75 6.09
CA GLY B 207 15.76 -17.96 7.36
C GLY B 207 16.84 -16.94 7.64
N LYS B 208 16.88 -15.87 6.85
CA LYS B 208 17.86 -14.79 7.03
C LYS B 208 17.33 -13.84 8.10
N PRO B 209 18.23 -13.14 8.81
CA PRO B 209 17.73 -12.22 9.83
C PRO B 209 17.00 -11.01 9.25
N VAL B 210 16.14 -10.41 10.05
CA VAL B 210 15.39 -9.23 9.64
C VAL B 210 16.02 -8.07 10.41
N GLY B 211 16.18 -6.94 9.74
CA GLY B 211 16.75 -5.78 10.38
C GLY B 211 15.69 -4.87 10.98
N PHE B 212 16.01 -4.30 12.13
CA PHE B 212 15.12 -3.37 12.83
C PHE B 212 15.96 -2.15 13.20
N SER B 213 15.28 -1.03 13.38
CA SER B 213 15.96 0.17 13.84
C SER B 213 16.07 -0.06 15.35
N ARG B 214 17.29 0.06 15.88
CA ARG B 214 17.56 -0.12 17.30
C ARG B 214 17.07 1.12 18.03
N VAL B 215 15.98 0.96 18.76
CA VAL B 215 15.37 2.09 19.44
C VAL B 215 16.29 2.87 20.37
N THR B 216 17.16 2.18 21.10
CA THR B 216 18.07 2.87 22.01
C THR B 216 18.94 3.88 21.26
N SER B 217 19.18 3.64 19.97
CA SER B 217 19.99 4.54 19.13
C SER B 217 19.26 5.80 18.70
N TYR B 218 17.94 5.82 18.85
CA TYR B 218 17.15 6.96 18.44
C TYR B 218 16.39 7.67 19.54
N MET B 219 16.68 7.30 20.79
CA MET B 219 15.99 7.93 21.91
C MET B 219 16.23 9.44 22.00
N ASP B 220 17.40 9.90 21.60
CA ASP B 220 17.69 11.33 21.63
C ASP B 220 16.84 12.04 20.57
N TRP B 221 16.79 11.46 19.38
CA TRP B 221 16.03 11.99 18.25
C TRP B 221 14.55 12.05 18.58
N ILE B 222 14.06 10.99 19.21
CA ILE B 222 12.65 10.91 19.58
C ILE B 222 12.28 12.01 20.56
N GLN B 223 13.12 12.19 21.59
CA GLN B 223 12.88 13.21 22.60
C GLN B 223 13.01 14.62 21.98
N GLN B 224 14.01 14.79 21.12
CA GLN B 224 14.21 16.07 20.44
C GLN B 224 12.97 16.44 19.64
N ASN B 225 12.47 15.49 18.85
CA ASN B 225 11.32 15.74 17.99
C ASN B 225 9.92 15.72 18.60
N THR B 226 9.73 15.02 19.71
CA THR B 226 8.42 14.96 20.34
C THR B 226 8.36 15.98 21.47
N GLY B 227 9.53 16.42 21.93
CA GLY B 227 9.60 17.36 23.03
C GLY B 227 9.18 16.66 24.33
N ILE B 228 9.33 15.33 24.35
CA ILE B 228 8.98 14.51 25.50
C ILE B 228 10.24 13.86 26.04
N LYS B 229 10.34 13.76 27.36
CA LYS B 229 11.49 13.14 28.00
C LYS B 229 11.08 11.76 28.53
N PHE B 230 11.95 10.79 28.30
CA PHE B 230 11.71 9.41 28.72
C PHE B 230 12.80 8.99 29.71
#